data_1M7V
#
_entry.id   1M7V
#
_cell.length_a   81.155
_cell.length_b   92.553
_cell.length_c   62.939
_cell.angle_alpha   90.00
_cell.angle_beta   90.00
_cell.angle_gamma   90.00
#
_symmetry.space_group_name_H-M   'P 21 21 2'
#
loop_
_entity.id
_entity.type
_entity.pdbx_description
1 polymer 'Nitric Oxide Synthase'
2 non-polymer ARGININE
3 non-polymer 'PROTOPORPHYRIN IX CONTAINING FE'
4 non-polymer (6S)-5,6,7,8-TETRAHYDROFOLATE
5 water water
#
_entity_poly.entity_id   1
_entity_poly.type   'polypeptide(L)'
_entity_poly.pdbx_seq_one_letter_code
;GSHMEILWNEAKAFIAECYQELGKEEEVKDRLDSIKSEIDRTGSYVHTKEELEHGAKMAWRNSNRCIGRLFWNSLNVIDR
RDVRTKEDVRDALFHHIETATNNGKIRPSITIFPPEEKGEKQVEIWNHQLIRYAGYESDGERIGDPASRSLTAACEQLGW
RGERTDFDLLPLIFRMRGDEQPVWYELPRSLVIEVPITHPDIEAFSDLELKWYGVPIISDMKLEVGGIHYNAAPFNGWYM
GTEIGARNLADEKRYDKLKKVASVIGISTNYNTDLWKDQALVELNKAVLYSYKKQGVSIVDHHTAASQFKRFEEQEEEAG
RKLTGDWTWLIPPISPAATHIFHRSYDNSIVKPNYFYQDKPYE
;
_entity_poly.pdbx_strand_id   A
#
loop_
_chem_comp.id
_chem_comp.type
_chem_comp.name
_chem_comp.formula
HEM non-polymer 'PROTOPORPHYRIN IX CONTAINING FE' 'C34 H32 Fe N4 O4'
THG non-polymer (6S)-5,6,7,8-TETRAHYDROFOLATE 'C19 H23 N7 O6'
#
# COMPACT_ATOMS: atom_id res chain seq x y z
N GLY A 1 -11.30 -28.66 12.62
CA GLY A 1 -12.74 -28.63 13.01
C GLY A 1 -13.52 -27.54 12.27
N SER A 2 -13.70 -26.38 12.92
CA SER A 2 -14.43 -25.26 12.33
C SER A 2 -13.58 -24.51 11.30
N HIS A 3 -12.25 -24.70 11.34
CA HIS A 3 -11.32 -24.08 10.41
C HIS A 3 -11.45 -24.67 9.00
N MET A 4 -11.71 -25.98 8.94
CA MET A 4 -11.89 -26.69 7.66
C MET A 4 -13.27 -26.39 7.06
N GLU A 5 -14.20 -25.97 7.92
CA GLU A 5 -15.57 -25.63 7.55
C GLU A 5 -15.64 -24.23 6.94
N ILE A 6 -14.98 -23.26 7.58
CA ILE A 6 -14.96 -21.86 7.12
C ILE A 6 -14.19 -21.77 5.79
N LEU A 7 -13.14 -22.58 5.65
CA LEU A 7 -12.30 -22.64 4.45
C LEU A 7 -13.09 -23.08 3.21
N TRP A 8 -13.95 -24.09 3.40
CA TRP A 8 -14.79 -24.63 2.33
C TRP A 8 -15.92 -23.69 1.92
N ASN A 9 -16.48 -22.97 2.90
CA ASN A 9 -17.58 -22.03 2.66
C ASN A 9 -17.15 -20.80 1.87
N GLU A 10 -15.94 -20.30 2.15
CA GLU A 10 -15.40 -19.12 1.46
C GLU A 10 -14.87 -19.50 0.07
N ALA A 11 -14.46 -20.76 -0.09
CA ALA A 11 -13.96 -21.30 -1.36
C ALA A 11 -15.10 -21.45 -2.37
N LYS A 12 -16.26 -21.91 -1.87
CA LYS A 12 -17.47 -22.07 -2.70
C LYS A 12 -17.97 -20.74 -3.24
N ALA A 13 -17.95 -19.73 -2.37
CA ALA A 13 -18.38 -18.37 -2.71
C ALA A 13 -17.45 -17.67 -3.69
N PHE A 14 -16.13 -17.89 -3.51
CA PHE A 14 -15.11 -17.30 -4.37
C PHE A 14 -15.08 -17.86 -5.79
N ILE A 15 -14.93 -19.19 -5.92
CA ILE A 15 -14.86 -19.87 -7.22
C ILE A 15 -16.06 -19.57 -8.12
N ALA A 16 -17.25 -19.51 -7.50
CA ALA A 16 -18.48 -19.22 -8.23
C ALA A 16 -18.49 -17.79 -8.77
N GLU A 17 -18.09 -16.85 -7.93
CA GLU A 17 -18.03 -15.42 -8.27
C GLU A 17 -16.90 -15.11 -9.23
N CYS A 18 -15.74 -15.74 -9.00
CA CYS A 18 -14.54 -15.57 -9.83
C CYS A 18 -14.74 -16.04 -11.25
N TYR A 19 -15.27 -17.25 -11.40
CA TYR A 19 -15.50 -17.84 -12.72
C TYR A 19 -16.66 -17.19 -13.47
N GLN A 20 -17.58 -16.58 -12.72
CA GLN A 20 -18.75 -15.89 -13.29
C GLN A 20 -18.31 -14.60 -13.99
N GLU A 21 -17.27 -13.96 -13.43
CA GLU A 21 -16.70 -12.72 -13.97
C GLU A 21 -15.73 -13.02 -15.11
N LEU A 22 -15.12 -14.22 -15.08
CA LEU A 22 -14.18 -14.67 -16.09
C LEU A 22 -14.82 -15.40 -17.28
N GLY A 23 -16.13 -15.64 -17.20
CA GLY A 23 -16.87 -16.31 -18.25
C GLY A 23 -16.64 -17.82 -18.34
N LYS A 24 -16.44 -18.44 -17.18
CA LYS A 24 -16.19 -19.88 -17.06
C LYS A 24 -17.15 -20.49 -16.03
N GLU A 25 -18.44 -20.16 -16.14
CA GLU A 25 -19.48 -20.64 -15.22
C GLU A 25 -19.69 -22.16 -15.18
N GLU A 26 -19.39 -22.84 -16.29
CA GLU A 26 -19.55 -24.29 -16.40
C GLU A 26 -18.39 -25.08 -15.79
N GLU A 27 -17.28 -24.39 -15.53
CA GLU A 27 -16.08 -25.02 -14.96
C GLU A 27 -16.07 -25.02 -13.42
N VAL A 28 -17.10 -24.41 -12.83
CA VAL A 28 -17.26 -24.31 -11.37
C VAL A 28 -17.44 -25.67 -10.68
N LYS A 29 -18.31 -26.52 -11.25
CA LYS A 29 -18.62 -27.84 -10.71
C LYS A 29 -17.43 -28.78 -10.53
N ASP A 30 -16.63 -28.93 -11.58
CA ASP A 30 -15.44 -29.79 -11.56
C ASP A 30 -14.31 -29.27 -10.68
N ARG A 31 -14.17 -27.95 -10.64
CA ARG A 31 -13.15 -27.29 -9.81
C ARG A 31 -13.46 -27.42 -8.33
N LEU A 32 -14.74 -27.23 -7.95
CA LEU A 32 -15.17 -27.33 -6.55
C LEU A 32 -15.06 -28.73 -5.95
N ASP A 33 -15.13 -29.75 -6.81
CA ASP A 33 -15.01 -31.15 -6.38
C ASP A 33 -13.57 -31.50 -6.08
N SER A 34 -12.65 -30.93 -6.88
CA SER A 34 -11.21 -31.12 -6.73
C SER A 34 -10.71 -30.43 -5.47
N ILE A 35 -11.34 -29.30 -5.14
CA ILE A 35 -11.00 -28.49 -3.97
C ILE A 35 -11.45 -29.19 -2.68
N LYS A 36 -12.62 -29.85 -2.71
CA LYS A 36 -13.15 -30.57 -1.55
C LYS A 36 -12.23 -31.75 -1.22
N SER A 37 -11.74 -32.43 -2.26
CA SER A 37 -10.81 -33.55 -2.12
C SER A 37 -9.45 -33.11 -1.59
N GLU A 38 -9.05 -31.89 -1.94
CA GLU A 38 -7.77 -31.31 -1.53
C GLU A 38 -7.78 -30.86 -0.06
N ILE A 39 -8.92 -30.33 0.40
CA ILE A 39 -9.09 -29.87 1.79
C ILE A 39 -9.13 -31.06 2.76
N ASP A 40 -9.70 -32.18 2.29
CA ASP A 40 -9.80 -33.40 3.09
C ASP A 40 -8.45 -34.12 3.15
N ARG A 41 -7.68 -33.99 2.07
CA ARG A 41 -6.36 -34.62 1.94
C ARG A 41 -5.23 -33.85 2.63
N THR A 42 -5.15 -32.54 2.38
CA THR A 42 -4.09 -31.68 2.96
C THR A 42 -4.51 -30.76 4.10
N GLY A 43 -5.70 -30.19 3.99
CA GLY A 43 -6.20 -29.27 5.01
C GLY A 43 -6.26 -27.86 4.46
N SER A 44 -5.99 -27.74 3.16
CA SER A 44 -5.98 -26.47 2.42
C SER A 44 -6.06 -26.78 0.93
N TYR A 45 -5.99 -25.73 0.09
CA TYR A 45 -6.00 -25.86 -1.36
C TYR A 45 -5.14 -24.79 -2.02
N VAL A 46 -4.61 -25.11 -3.20
CA VAL A 46 -3.76 -24.21 -3.97
C VAL A 46 -4.53 -23.59 -5.12
N HIS A 47 -4.49 -22.25 -5.22
CA HIS A 47 -5.16 -21.50 -6.30
C HIS A 47 -4.41 -21.65 -7.62
N THR A 48 -5.13 -21.54 -8.74
CA THR A 48 -4.50 -21.60 -10.07
C THR A 48 -3.96 -20.19 -10.34
N LYS A 49 -3.11 -20.05 -11.37
CA LYS A 49 -2.53 -18.75 -11.73
C LYS A 49 -3.56 -17.68 -12.10
N GLU A 50 -4.68 -18.14 -12.66
CA GLU A 50 -5.79 -17.28 -13.06
C GLU A 50 -6.62 -16.86 -11.85
N GLU A 51 -6.78 -17.79 -10.90
CA GLU A 51 -7.57 -17.56 -9.68
C GLU A 51 -7.05 -16.50 -8.73
N LEU A 52 -5.77 -16.57 -8.36
CA LEU A 52 -5.22 -15.59 -7.43
C LEU A 52 -4.92 -14.24 -8.11
N GLU A 53 -4.76 -14.29 -9.44
CA GLU A 53 -4.53 -13.08 -10.24
C GLU A 53 -5.82 -12.27 -10.20
N HIS A 54 -6.94 -12.94 -10.44
CA HIS A 54 -8.24 -12.27 -10.40
C HIS A 54 -8.69 -12.00 -8.97
N GLY A 55 -8.19 -12.82 -8.04
CA GLY A 55 -8.51 -12.66 -6.61
C GLY A 55 -7.89 -11.41 -6.01
N ALA A 56 -6.66 -11.11 -6.42
CA ALA A 56 -5.92 -9.94 -5.98
C ALA A 56 -6.55 -8.68 -6.58
N LYS A 57 -7.07 -8.83 -7.80
CA LYS A 57 -7.74 -7.75 -8.54
C LYS A 57 -9.08 -7.41 -7.90
N MET A 58 -9.84 -8.44 -7.50
CA MET A 58 -11.14 -8.27 -6.86
C MET A 58 -10.95 -7.67 -5.47
N ALA A 59 -9.84 -8.04 -4.85
CA ALA A 59 -9.48 -7.56 -3.53
C ALA A 59 -9.22 -6.05 -3.51
N TRP A 60 -8.60 -5.57 -4.58
CA TRP A 60 -8.32 -4.13 -4.74
C TRP A 60 -9.67 -3.45 -5.00
N ARG A 61 -10.49 -4.04 -5.86
CA ARG A 61 -11.81 -3.51 -6.22
C ARG A 61 -12.73 -3.35 -5.00
N ASN A 62 -12.54 -4.22 -4.01
CA ASN A 62 -13.33 -4.21 -2.77
C ASN A 62 -12.70 -3.40 -1.64
N SER A 63 -11.54 -2.78 -1.90
CA SER A 63 -10.86 -1.99 -0.86
C SER A 63 -11.51 -0.63 -0.64
N ASN A 64 -12.38 -0.59 0.36
CA ASN A 64 -13.17 0.57 0.78
C ASN A 64 -12.45 1.90 0.96
N ARG A 65 -11.23 1.81 1.46
CA ARG A 65 -10.40 2.97 1.75
C ARG A 65 -9.56 3.51 0.58
N CYS A 66 -9.64 2.85 -0.58
CA CYS A 66 -8.87 3.24 -1.77
C CYS A 66 -9.61 4.06 -2.81
N ILE A 67 -9.03 5.21 -3.15
CA ILE A 67 -9.57 6.14 -4.15
C ILE A 67 -9.10 5.78 -5.57
N GLY A 68 -8.01 5.01 -5.67
CA GLY A 68 -7.47 4.64 -6.97
C GLY A 68 -8.00 3.38 -7.63
N ARG A 69 -9.15 2.90 -7.16
CA ARG A 69 -9.77 1.68 -7.66
C ARG A 69 -10.21 1.53 -9.13
N LEU A 70 -10.20 2.63 -9.90
CA LEU A 70 -10.58 2.59 -11.33
C LEU A 70 -9.68 1.65 -12.13
N PHE A 71 -8.43 1.56 -11.69
CA PHE A 71 -7.41 0.76 -12.34
C PHE A 71 -7.25 -0.68 -11.84
N TRP A 72 -8.26 -1.17 -11.12
CA TRP A 72 -8.23 -2.52 -10.54
C TRP A 72 -7.83 -3.70 -11.44
N ASN A 73 -8.34 -3.69 -12.67
CA ASN A 73 -8.10 -4.75 -13.65
C ASN A 73 -6.75 -4.71 -14.36
N SER A 74 -5.97 -3.65 -14.12
CA SER A 74 -4.65 -3.52 -14.74
C SER A 74 -3.51 -3.92 -13.80
N LEU A 75 -3.86 -4.47 -12.64
CA LEU A 75 -2.89 -4.93 -11.62
C LEU A 75 -1.96 -6.03 -12.15
N ASN A 76 -0.66 -5.80 -11.96
CA ASN A 76 0.40 -6.73 -12.38
C ASN A 76 0.65 -7.71 -11.24
N VAL A 77 0.17 -8.95 -11.40
CA VAL A 77 0.32 -9.96 -10.36
C VAL A 77 1.53 -10.87 -10.57
N ILE A 78 2.47 -10.80 -9.63
CA ILE A 78 3.70 -11.58 -9.66
C ILE A 78 3.54 -12.77 -8.71
N ASP A 79 3.61 -13.97 -9.27
CA ASP A 79 3.45 -15.20 -8.51
C ASP A 79 4.78 -15.73 -7.99
N ARG A 80 5.01 -15.55 -6.69
CA ARG A 80 6.22 -16.01 -6.02
C ARG A 80 5.92 -17.04 -4.92
N ARG A 81 4.95 -17.91 -5.19
CA ARG A 81 4.58 -18.98 -4.27
C ARG A 81 5.61 -20.10 -4.26
N ASP A 82 6.67 -19.93 -5.07
CA ASP A 82 7.76 -20.89 -5.17
C ASP A 82 8.95 -20.59 -4.24
N VAL A 83 8.89 -19.46 -3.52
CA VAL A 83 9.98 -19.08 -2.61
C VAL A 83 10.15 -20.02 -1.41
N ARG A 84 11.39 -20.38 -1.12
CA ARG A 84 11.71 -21.31 -0.04
C ARG A 84 12.74 -20.75 0.96
N THR A 85 13.68 -19.94 0.47
CA THR A 85 14.74 -19.38 1.31
C THR A 85 14.59 -17.87 1.54
N LYS A 86 15.42 -17.35 2.45
CA LYS A 86 15.43 -15.92 2.76
C LYS A 86 15.99 -15.13 1.58
N GLU A 87 16.87 -15.77 0.80
CA GLU A 87 17.46 -15.17 -0.40
C GLU A 87 16.39 -15.04 -1.47
N ASP A 88 15.51 -16.05 -1.57
CA ASP A 88 14.42 -16.08 -2.54
C ASP A 88 13.41 -14.95 -2.25
N VAL A 89 13.16 -14.69 -0.97
CA VAL A 89 12.24 -13.63 -0.55
C VAL A 89 12.87 -12.28 -0.84
N ARG A 90 14.16 -12.14 -0.51
CA ARG A 90 14.92 -10.91 -0.76
C ARG A 90 14.92 -10.56 -2.24
N ASP A 91 15.21 -11.55 -3.08
CA ASP A 91 15.24 -11.38 -4.54
C ASP A 91 13.88 -10.97 -5.08
N ALA A 92 12.83 -11.54 -4.49
CA ALA A 92 11.44 -11.24 -4.88
C ALA A 92 11.02 -9.83 -4.49
N LEU A 93 11.50 -9.37 -3.33
CA LEU A 93 11.19 -8.03 -2.85
C LEU A 93 11.97 -6.98 -3.63
N PHE A 94 13.21 -7.32 -3.98
CA PHE A 94 14.08 -6.46 -4.78
C PHE A 94 13.46 -6.30 -6.17
N HIS A 95 12.99 -7.42 -6.73
CA HIS A 95 12.36 -7.45 -8.05
C HIS A 95 11.07 -6.65 -8.07
N HIS A 96 10.28 -6.76 -6.99
CA HIS A 96 9.02 -6.02 -6.89
C HIS A 96 9.29 -4.52 -6.95
N ILE A 97 10.28 -4.04 -6.20
CA ILE A 97 10.65 -2.62 -6.19
C ILE A 97 11.05 -2.17 -7.59
N GLU A 98 11.93 -2.94 -8.25
CA GLU A 98 12.41 -2.63 -9.60
C GLU A 98 11.31 -2.58 -10.67
N THR A 99 10.52 -3.65 -10.78
CA THR A 99 9.47 -3.72 -11.80
C THR A 99 8.26 -2.79 -11.54
N ALA A 100 7.99 -2.50 -10.27
CA ALA A 100 6.89 -1.61 -9.89
C ALA A 100 7.29 -0.17 -10.14
N THR A 101 8.58 0.14 -9.92
CA THR A 101 9.12 1.49 -10.15
C THR A 101 9.12 1.78 -11.65
N ASN A 102 9.61 0.82 -12.44
CA ASN A 102 9.67 0.89 -13.91
C ASN A 102 10.21 2.25 -14.43
N ASN A 103 11.37 2.63 -13.88
CA ASN A 103 12.09 3.88 -14.19
C ASN A 103 11.26 5.16 -14.01
N GLY A 104 10.24 5.08 -13.16
CA GLY A 104 9.36 6.21 -12.90
C GLY A 104 7.92 6.03 -13.35
N LYS A 105 7.73 5.27 -14.44
CA LYS A 105 6.38 5.00 -14.95
C LYS A 105 5.82 3.82 -14.16
N ILE A 106 5.43 4.11 -12.91
CA ILE A 106 4.91 3.13 -11.95
C ILE A 106 3.80 2.20 -12.45
N ARG A 107 4.05 0.91 -12.24
CA ARG A 107 3.11 -0.16 -12.61
C ARG A 107 2.50 -0.69 -11.31
N PRO A 108 1.15 -0.65 -11.18
CA PRO A 108 0.49 -1.17 -9.97
C PRO A 108 0.74 -2.67 -9.91
N SER A 109 1.48 -3.11 -8.89
CA SER A 109 1.84 -4.52 -8.76
C SER A 109 1.64 -5.15 -7.40
N ILE A 110 1.61 -6.48 -7.40
CA ILE A 110 1.48 -7.28 -6.18
C ILE A 110 2.31 -8.55 -6.33
N THR A 111 3.06 -8.90 -5.30
CA THR A 111 3.85 -10.13 -5.29
C THR A 111 3.17 -11.06 -4.31
N ILE A 112 2.81 -12.24 -4.79
CA ILE A 112 2.14 -13.23 -3.98
C ILE A 112 3.16 -14.21 -3.43
N PHE A 113 3.28 -14.27 -2.10
CA PHE A 113 4.19 -15.19 -1.42
C PHE A 113 3.34 -16.39 -0.93
N PRO A 114 3.98 -17.51 -0.46
CA PRO A 114 3.19 -18.66 0.02
C PRO A 114 2.26 -18.28 1.17
N PRO A 115 1.00 -18.76 1.14
CA PRO A 115 0.03 -18.46 2.21
C PRO A 115 0.27 -19.24 3.48
N GLU A 116 -0.57 -18.99 4.48
CA GLU A 116 -0.52 -19.70 5.77
C GLU A 116 -1.14 -21.07 5.48
N GLU A 117 -0.57 -22.13 6.08
CA GLU A 117 -1.09 -23.48 5.86
C GLU A 117 -2.02 -23.93 7.00
N LYS A 118 -1.47 -24.03 8.21
CA LYS A 118 -2.26 -24.43 9.36
C LYS A 118 -2.26 -23.32 10.41
N GLY A 119 -2.51 -22.10 9.92
CA GLY A 119 -2.53 -20.93 10.78
C GLY A 119 -1.16 -20.27 10.88
N GLU A 120 -0.10 -21.06 10.71
CA GLU A 120 1.27 -20.54 10.76
C GLU A 120 1.80 -20.03 9.42
N LYS A 121 2.47 -18.89 9.50
CA LYS A 121 3.04 -18.20 8.36
C LYS A 121 4.32 -18.84 7.80
N GLN A 122 4.48 -18.73 6.47
CA GLN A 122 5.65 -19.26 5.78
C GLN A 122 6.69 -18.13 5.67
N VAL A 123 6.21 -16.94 5.31
CA VAL A 123 7.03 -15.73 5.19
C VAL A 123 6.25 -14.65 5.94
N GLU A 124 6.94 -13.91 6.81
CA GLU A 124 6.31 -12.84 7.59
C GLU A 124 7.08 -11.54 7.40
N ILE A 125 6.49 -10.60 6.66
CA ILE A 125 7.14 -9.30 6.41
C ILE A 125 6.81 -8.31 7.53
N TRP A 126 7.85 -7.77 8.16
CA TRP A 126 7.71 -6.82 9.26
C TRP A 126 7.55 -5.39 8.81
N ASN A 127 8.11 -5.06 7.64
CA ASN A 127 8.02 -3.70 7.07
C ASN A 127 6.56 -3.29 6.83
N HIS A 128 6.25 -2.03 7.13
CA HIS A 128 4.89 -1.49 6.87
C HIS A 128 4.83 -1.28 5.34
N GLN A 129 5.92 -0.70 4.83
CA GLN A 129 6.12 -0.45 3.42
C GLN A 129 7.55 -0.90 3.10
N LEU A 130 7.78 -1.48 1.92
CA LEU A 130 9.12 -1.94 1.53
C LEU A 130 10.17 -0.84 1.56
N ILE A 131 9.74 0.37 1.17
CA ILE A 131 10.59 1.55 1.20
C ILE A 131 9.91 2.49 2.20
N ARG A 132 10.64 2.84 3.25
CA ARG A 132 10.16 3.71 4.32
C ARG A 132 11.36 4.28 5.07
N TYR A 133 11.18 5.44 5.68
CA TYR A 133 12.25 6.09 6.43
C TYR A 133 12.21 5.76 7.92
N ALA A 134 13.40 5.63 8.52
CA ALA A 134 13.54 5.33 9.94
C ALA A 134 13.18 6.52 10.81
N GLY A 135 12.83 6.24 12.07
CA GLY A 135 12.48 7.27 13.03
C GLY A 135 13.15 7.02 14.37
N TYR A 136 13.68 8.09 14.97
CA TYR A 136 14.38 8.01 16.26
C TYR A 136 13.92 9.11 17.21
N GLU A 137 14.11 8.90 18.51
CA GLU A 137 13.77 9.89 19.53
C GLU A 137 14.73 9.76 20.72
N GLY A 140 16.22 13.64 23.96
CA GLY A 140 16.77 14.72 23.08
C GLY A 140 15.70 15.37 22.22
N GLU A 141 15.75 15.11 20.92
CA GLU A 141 14.79 15.66 19.95
C GLU A 141 14.35 14.56 18.97
N ARG A 142 13.53 14.92 17.99
CA ARG A 142 13.01 13.99 16.98
C ARG A 142 13.74 14.02 15.64
N ILE A 143 14.22 12.85 15.23
CA ILE A 143 14.94 12.65 13.97
C ILE A 143 14.18 11.60 13.13
N GLY A 144 13.94 11.91 11.87
CA GLY A 144 13.26 10.99 10.98
C GLY A 144 11.74 10.98 11.04
N ASP A 145 11.17 9.82 10.70
CA ASP A 145 9.72 9.61 10.67
C ASP A 145 9.22 9.00 11.98
N PRO A 146 8.47 9.77 12.80
CA PRO A 146 7.95 9.25 14.08
C PRO A 146 7.11 7.98 13.94
N ALA A 147 6.45 7.84 12.79
CA ALA A 147 5.61 6.66 12.51
C ALA A 147 6.40 5.34 12.43
N SER A 148 7.70 5.45 12.18
CA SER A 148 8.57 4.28 12.06
C SER A 148 9.39 3.92 13.30
N ARG A 149 9.15 4.62 14.42
CA ARG A 149 9.89 4.39 15.67
C ARG A 149 10.00 2.96 16.20
N SER A 150 8.86 2.27 16.35
CA SER A 150 8.84 0.89 16.87
C SER A 150 9.53 -0.13 15.93
N LEU A 151 9.37 0.04 14.62
CA LEU A 151 9.99 -0.84 13.63
C LEU A 151 11.51 -0.60 13.56
N THR A 152 11.91 0.67 13.67
CA THR A 152 13.31 1.07 13.65
C THR A 152 14.02 0.46 14.87
N ALA A 153 13.34 0.48 16.02
CA ALA A 153 13.85 -0.07 17.27
C ALA A 153 14.01 -1.59 17.16
N ALA A 154 13.11 -2.22 16.41
CA ALA A 154 13.13 -3.66 16.16
C ALA A 154 14.28 -4.06 15.23
N CYS A 155 14.56 -3.19 14.26
CA CYS A 155 15.65 -3.40 13.29
C CYS A 155 16.99 -3.22 13.99
N GLU A 156 17.06 -2.26 14.91
CA GLU A 156 18.27 -1.97 15.67
C GLU A 156 18.61 -3.06 16.69
N GLN A 157 17.58 -3.76 17.15
CA GLN A 157 17.71 -4.86 18.11
C GLN A 157 18.20 -6.13 17.38
N LEU A 158 18.23 -6.06 16.05
CA LEU A 158 18.68 -7.16 15.22
C LEU A 158 20.08 -6.96 14.63
N GLY A 159 20.68 -5.80 14.90
CA GLY A 159 22.02 -5.54 14.39
C GLY A 159 22.14 -4.42 13.37
N TRP A 160 21.00 -3.88 12.93
CA TRP A 160 21.02 -2.77 11.97
C TRP A 160 21.24 -1.45 12.71
N ARG A 161 21.87 -0.49 12.04
CA ARG A 161 22.14 0.82 12.60
C ARG A 161 22.05 1.86 11.49
N GLY A 162 21.23 2.89 11.71
CA GLY A 162 21.08 3.96 10.73
C GLY A 162 22.01 5.12 10.99
N GLU A 163 22.20 5.95 9.97
CA GLU A 163 23.07 7.13 10.02
C GLU A 163 22.51 8.28 10.86
N ARG A 164 21.23 8.16 11.20
CA ARG A 164 20.49 9.15 11.98
C ARG A 164 20.23 10.48 11.25
N THR A 165 19.87 10.36 9.97
CA THR A 165 19.49 11.50 9.14
C THR A 165 17.96 11.47 9.16
N ASP A 166 17.31 12.49 8.61
CA ASP A 166 15.85 12.53 8.58
C ASP A 166 15.26 11.55 7.56
N PHE A 167 16.11 11.03 6.68
CA PHE A 167 15.69 10.12 5.62
C PHE A 167 16.50 8.82 5.46
N ASP A 168 16.70 8.09 6.55
CA ASP A 168 17.42 6.80 6.51
C ASP A 168 16.47 5.74 5.98
N LEU A 169 16.88 5.02 4.95
CA LEU A 169 16.05 3.94 4.40
C LEU A 169 16.09 2.74 5.34
N LEU A 170 14.92 2.28 5.75
CA LEU A 170 14.84 1.09 6.61
C LEU A 170 15.21 -0.13 5.80
N PRO A 171 15.77 -1.18 6.46
CA PRO A 171 16.13 -2.37 5.70
C PRO A 171 14.89 -3.27 5.52
N LEU A 172 14.99 -4.25 4.62
CA LEU A 172 13.91 -5.22 4.45
C LEU A 172 14.07 -6.14 5.63
N ILE A 173 12.98 -6.37 6.36
CA ILE A 173 13.01 -7.21 7.54
C ILE A 173 11.83 -8.17 7.49
N PHE A 174 12.16 -9.47 7.42
CA PHE A 174 11.16 -10.54 7.33
C PHE A 174 11.60 -11.82 8.06
N ARG A 175 10.63 -12.63 8.46
CA ARG A 175 10.88 -13.90 9.16
C ARG A 175 10.41 -15.11 8.37
N MET A 176 11.28 -16.11 8.28
CA MET A 176 10.99 -17.36 7.57
C MET A 176 10.48 -18.38 8.59
N ARG A 177 9.64 -19.30 8.13
CA ARG A 177 9.09 -20.37 8.98
C ARG A 177 10.26 -21.26 9.43
N GLY A 178 10.36 -21.46 10.74
CA GLY A 178 11.43 -22.27 11.30
C GLY A 178 12.40 -21.42 12.11
N ASP A 179 12.44 -20.12 11.80
CA ASP A 179 13.30 -19.16 12.49
C ASP A 179 12.51 -18.46 13.59
N GLU A 180 13.16 -18.30 14.74
CA GLU A 180 12.55 -17.63 15.90
C GLU A 180 12.53 -16.11 15.73
N GLN A 181 13.58 -15.61 15.07
CA GLN A 181 13.77 -14.20 14.83
C GLN A 181 13.89 -13.87 13.33
N PRO A 182 13.59 -12.62 12.92
CA PRO A 182 13.70 -12.25 11.52
C PRO A 182 15.11 -11.92 11.06
N VAL A 183 15.27 -11.74 9.75
CA VAL A 183 16.54 -11.37 9.14
C VAL A 183 16.35 -10.03 8.44
N TRP A 184 17.45 -9.31 8.24
CA TRP A 184 17.38 -8.01 7.57
C TRP A 184 18.37 -7.85 6.40
N TYR A 185 17.95 -7.05 5.41
CA TYR A 185 18.75 -6.76 4.22
C TYR A 185 18.64 -5.29 3.88
N GLU A 186 19.79 -4.63 3.75
CA GLU A 186 19.87 -3.21 3.40
C GLU A 186 19.43 -3.03 1.93
N LEU A 187 18.66 -1.98 1.68
CA LEU A 187 18.18 -1.67 0.33
C LEU A 187 19.28 -0.99 -0.50
N PRO A 188 19.55 -1.49 -1.74
CA PRO A 188 20.57 -0.88 -2.60
C PRO A 188 20.01 0.47 -3.09
N ARG A 189 20.81 1.52 -2.93
CA ARG A 189 20.42 2.89 -3.31
C ARG A 189 19.96 3.07 -4.76
N SER A 190 20.49 2.24 -5.66
CA SER A 190 20.16 2.27 -7.09
C SER A 190 18.72 1.84 -7.37
N LEU A 191 18.20 1.00 -6.49
CA LEU A 191 16.85 0.46 -6.57
C LEU A 191 15.77 1.43 -6.08
N VAL A 192 16.15 2.33 -5.16
CA VAL A 192 15.21 3.28 -4.57
C VAL A 192 15.24 4.67 -5.20
N ILE A 193 14.17 5.01 -5.92
CA ILE A 193 14.05 6.33 -6.53
C ILE A 193 13.48 7.28 -5.47
N GLU A 194 14.14 8.41 -5.32
CA GLU A 194 13.75 9.46 -4.39
C GLU A 194 13.59 10.74 -5.18
N VAL A 195 12.65 11.58 -4.76
CA VAL A 195 12.37 12.83 -5.42
C VAL A 195 12.56 14.05 -4.51
N PRO A 196 13.53 14.95 -4.83
CA PRO A 196 13.74 16.16 -4.01
C PRO A 196 12.57 17.11 -4.26
N ILE A 197 12.09 17.76 -3.21
CA ILE A 197 10.96 18.68 -3.35
C ILE A 197 11.35 20.11 -3.64
N THR A 198 10.92 20.58 -4.81
CA THR A 198 11.14 21.96 -5.27
C THR A 198 9.77 22.53 -5.65
N HIS A 199 9.69 23.85 -5.74
CA HIS A 199 8.46 24.58 -6.10
C HIS A 199 8.64 25.20 -7.49
N PRO A 200 7.55 25.32 -8.29
CA PRO A 200 7.68 25.92 -9.63
C PRO A 200 8.00 27.41 -9.71
N ASP A 201 7.50 28.18 -8.72
CA ASP A 201 7.69 29.63 -8.67
C ASP A 201 8.64 30.13 -7.58
N ILE A 202 8.63 29.45 -6.42
CA ILE A 202 9.46 29.83 -5.27
C ILE A 202 10.78 29.04 -5.22
N GLU A 203 11.87 29.74 -5.54
CA GLU A 203 13.23 29.22 -5.58
C GLU A 203 13.77 28.75 -4.22
N ALA A 204 13.38 29.47 -3.16
CA ALA A 204 13.80 29.19 -1.79
C ALA A 204 13.29 27.89 -1.17
N PHE A 205 12.34 27.23 -1.83
CA PHE A 205 11.76 25.97 -1.34
C PHE A 205 12.77 24.84 -1.18
N SER A 206 13.84 24.88 -1.98
CA SER A 206 14.91 23.87 -1.93
C SER A 206 15.73 23.94 -0.63
N ASP A 207 15.65 25.08 0.08
CA ASP A 207 16.35 25.29 1.34
C ASP A 207 15.84 24.37 2.47
N LEU A 208 14.61 23.89 2.30
CA LEU A 208 13.96 23.00 3.26
C LEU A 208 14.54 21.59 3.23
N GLU A 209 15.20 21.28 2.11
CA GLU A 209 15.86 20.01 1.83
C GLU A 209 14.95 18.80 2.02
N LEU A 210 13.72 18.93 1.53
CA LEU A 210 12.72 17.87 1.62
C LEU A 210 12.78 16.95 0.43
N LYS A 211 12.51 15.67 0.70
CA LYS A 211 12.46 14.64 -0.32
C LYS A 211 11.55 13.53 0.14
N TRP A 212 11.14 12.68 -0.80
CA TRP A 212 10.30 11.53 -0.50
C TRP A 212 10.60 10.48 -1.54
N TYR A 213 10.27 9.22 -1.23
CA TYR A 213 10.49 8.12 -2.15
C TYR A 213 9.38 8.05 -3.18
N GLY A 214 9.67 7.44 -4.32
CA GLY A 214 8.69 7.35 -5.38
C GLY A 214 7.53 6.39 -5.30
N VAL A 215 7.76 5.19 -4.76
CA VAL A 215 6.73 4.16 -4.72
C VAL A 215 6.26 3.66 -3.35
N PRO A 216 4.94 3.79 -3.04
CA PRO A 216 4.41 3.33 -1.75
C PRO A 216 4.03 1.85 -1.87
N ILE A 217 4.82 0.98 -1.25
CA ILE A 217 4.60 -0.46 -1.35
C ILE A 217 4.17 -1.08 0.00
N ILE A 218 2.86 -1.10 0.28
CA ILE A 218 2.33 -1.66 1.54
C ILE A 218 2.63 -3.16 1.63
N SER A 219 3.43 -3.50 2.63
CA SER A 219 3.88 -4.87 2.82
C SER A 219 3.47 -5.63 4.07
N ASP A 220 2.54 -5.05 4.84
CA ASP A 220 2.09 -5.70 6.08
C ASP A 220 0.61 -6.09 6.15
N MET A 221 -0.08 -6.04 5.01
CA MET A 221 -1.49 -6.40 4.97
C MET A 221 -1.70 -7.82 4.48
N LYS A 222 -2.77 -8.44 4.97
CA LYS A 222 -3.14 -9.78 4.61
C LYS A 222 -4.15 -9.81 3.48
N LEU A 223 -3.83 -10.56 2.43
CA LEU A 223 -4.74 -10.72 1.29
C LEU A 223 -5.52 -12.00 1.56
N GLU A 224 -6.85 -11.90 1.56
CA GLU A 224 -7.69 -13.06 1.79
C GLU A 224 -8.47 -13.36 0.51
N VAL A 225 -8.18 -14.51 -0.09
CA VAL A 225 -8.82 -14.96 -1.32
C VAL A 225 -9.39 -16.38 -1.11
N GLY A 226 -10.72 -16.46 -1.02
CA GLY A 226 -11.41 -17.74 -0.84
C GLY A 226 -11.00 -18.63 0.31
N GLY A 227 -10.86 -18.03 1.50
CA GLY A 227 -10.47 -18.78 2.68
C GLY A 227 -8.97 -18.91 2.87
N ILE A 228 -8.21 -18.64 1.81
CA ILE A 228 -6.75 -18.73 1.83
C ILE A 228 -6.17 -17.39 2.28
N HIS A 229 -5.38 -17.43 3.35
CA HIS A 229 -4.77 -16.24 3.94
C HIS A 229 -3.34 -15.96 3.48
N TYR A 230 -3.20 -14.99 2.57
CA TYR A 230 -1.89 -14.57 2.06
C TYR A 230 -1.41 -13.41 2.93
N ASN A 231 -0.80 -13.76 4.05
CA ASN A 231 -0.29 -12.79 5.02
C ASN A 231 0.85 -11.93 4.46
N ALA A 232 1.55 -12.48 3.48
CA ALA A 232 2.66 -11.80 2.82
C ALA A 232 2.31 -11.66 1.34
N ALA A 233 1.90 -10.45 0.98
CA ALA A 233 1.50 -10.11 -0.38
C ALA A 233 1.61 -8.60 -0.60
N PRO A 234 2.86 -8.07 -0.70
CA PRO A 234 3.14 -6.63 -0.90
C PRO A 234 2.50 -6.08 -2.16
N PHE A 235 1.89 -4.91 -2.04
CA PHE A 235 1.26 -4.27 -3.18
C PHE A 235 1.62 -2.81 -3.28
N ASN A 236 1.42 -2.24 -4.47
CA ASN A 236 1.70 -0.83 -4.71
C ASN A 236 0.87 -0.24 -5.83
N GLY A 237 0.68 1.07 -5.73
CA GLY A 237 0.03 1.84 -6.75
C GLY A 237 1.01 2.99 -6.87
N TRP A 238 0.53 4.15 -7.28
CA TRP A 238 1.38 5.33 -7.31
C TRP A 238 0.79 6.24 -6.25
N TYR A 239 1.54 7.27 -5.87
CA TYR A 239 1.08 8.22 -4.87
C TYR A 239 0.05 9.22 -5.36
N MET A 240 -0.81 9.62 -4.43
CA MET A 240 -1.76 10.70 -4.66
C MET A 240 -0.98 11.76 -3.88
N GLY A 241 -0.71 12.91 -4.52
CA GLY A 241 0.07 13.98 -3.93
C GLY A 241 -0.13 14.33 -2.47
N THR A 242 -1.39 14.35 -2.05
CA THR A 242 -1.78 14.68 -0.68
C THR A 242 -1.23 13.76 0.41
N GLU A 243 -0.95 12.49 0.06
CA GLU A 243 -0.39 11.51 1.02
C GLU A 243 0.97 11.99 1.54
N ILE A 244 1.69 12.70 0.68
CA ILE A 244 3.01 13.25 1.00
C ILE A 244 2.93 14.67 1.53
N GLY A 245 2.35 15.57 0.74
CA GLY A 245 2.26 16.98 1.09
C GLY A 245 1.28 17.43 2.13
N ALA A 246 0.24 16.63 2.37
CA ALA A 246 -0.76 16.99 3.35
C ALA A 246 -0.75 16.10 4.58
N ARG A 247 0.02 15.01 4.51
CA ARG A 247 0.11 14.07 5.62
C ARG A 247 1.52 13.75 6.10
N ASN A 248 2.29 13.03 5.28
CA ASN A 248 3.66 12.62 5.62
C ASN A 248 4.58 13.77 6.01
N LEU A 249 4.49 14.88 5.28
CA LEU A 249 5.32 16.05 5.55
C LEU A 249 4.61 17.14 6.36
N ALA A 250 3.28 17.03 6.49
CA ALA A 250 2.48 18.02 7.21
C ALA A 250 1.99 17.71 8.63
N ASP A 251 1.60 16.47 8.91
CA ASP A 251 1.10 16.10 10.24
C ASP A 251 2.06 16.43 11.37
N GLU A 252 1.51 16.87 12.49
CA GLU A 252 2.29 17.20 13.68
C GLU A 252 3.06 16.00 14.23
N LYS A 253 2.47 14.81 14.07
CA LYS A 253 3.06 13.55 14.51
C LYS A 253 3.93 12.88 13.45
N ARG A 254 4.16 13.58 12.34
CA ARG A 254 5.01 13.09 11.25
C ARG A 254 6.17 14.08 11.09
N TYR A 255 6.45 14.55 9.88
CA TYR A 255 7.55 15.50 9.67
C TYR A 255 7.32 16.94 10.12
N ASP A 256 6.04 17.30 10.34
CA ASP A 256 5.62 18.61 10.87
C ASP A 256 6.28 19.83 10.20
N LYS A 257 6.20 19.89 8.87
CA LYS A 257 6.85 20.97 8.12
C LYS A 257 6.09 22.24 7.77
N LEU A 258 4.83 22.38 8.21
CA LEU A 258 4.03 23.56 7.86
C LEU A 258 4.56 24.94 8.26
N LYS A 259 5.16 25.02 9.45
CA LYS A 259 5.73 26.29 9.94
C LYS A 259 6.98 26.66 9.12
N LYS A 260 7.79 25.66 8.80
CA LYS A 260 9.00 25.84 8.01
C LYS A 260 8.64 26.19 6.55
N VAL A 261 7.55 25.61 6.04
CA VAL A 261 7.07 25.89 4.68
C VAL A 261 6.55 27.32 4.62
N ALA A 262 5.83 27.74 5.66
CA ALA A 262 5.27 29.09 5.76
C ALA A 262 6.38 30.15 5.77
N SER A 263 7.51 29.83 6.39
CA SER A 263 8.65 30.73 6.47
C SER A 263 9.34 30.93 5.12
N VAL A 264 9.54 29.86 4.34
CA VAL A 264 10.20 30.00 3.04
C VAL A 264 9.34 30.61 1.95
N ILE A 265 8.02 30.53 2.10
CA ILE A 265 7.12 31.12 1.10
C ILE A 265 6.78 32.59 1.40
N GLY A 266 7.36 33.09 2.49
CA GLY A 266 7.21 34.49 2.90
C GLY A 266 5.98 34.97 3.63
N ILE A 267 5.26 34.07 4.30
CA ILE A 267 4.07 34.47 5.05
C ILE A 267 4.28 34.31 6.55
N SER A 268 3.56 35.12 7.31
CA SER A 268 3.65 35.10 8.77
C SER A 268 2.90 33.93 9.41
N THR A 269 3.41 33.45 10.54
CA THR A 269 2.78 32.35 11.29
C THR A 269 2.13 32.89 12.56
N ASN A 270 1.94 34.21 12.59
CA ASN A 270 1.36 34.90 13.73
C ASN A 270 -0.09 34.62 14.06
N TYR A 271 -0.96 34.69 13.05
CA TYR A 271 -2.40 34.53 13.25
C TYR A 271 -3.10 33.40 12.53
N ASN A 272 -3.98 32.71 13.26
CA ASN A 272 -4.79 31.61 12.75
C ASN A 272 -5.70 32.13 11.60
N THR A 273 -6.20 33.36 11.78
CA THR A 273 -7.10 34.02 10.82
C THR A 273 -6.49 34.31 9.44
N ASP A 274 -5.15 34.30 9.36
CA ASP A 274 -4.44 34.53 8.10
C ASP A 274 -4.41 33.26 7.26
N LEU A 275 -4.81 32.15 7.89
CA LEU A 275 -4.87 30.81 7.30
C LEU A 275 -3.54 30.38 6.69
N TRP A 276 -2.47 30.62 7.44
CA TRP A 276 -1.13 30.30 6.99
C TRP A 276 -0.89 28.80 6.81
N LYS A 277 -1.55 27.99 7.64
CA LYS A 277 -1.44 26.53 7.55
C LYS A 277 -2.03 26.06 6.22
N ASP A 278 -3.15 26.70 5.83
CA ASP A 278 -3.86 26.39 4.58
C ASP A 278 -3.04 26.76 3.35
N GLN A 279 -2.40 27.94 3.42
CA GLN A 279 -1.59 28.45 2.33
C GLN A 279 -0.31 27.63 2.21
N ALA A 280 0.24 27.23 3.35
CA ALA A 280 1.46 26.40 3.39
C ALA A 280 1.14 25.04 2.78
N LEU A 281 -0.04 24.49 3.11
CA LEU A 281 -0.49 23.20 2.59
C LEU A 281 -0.63 23.23 1.06
N VAL A 282 -1.18 24.33 0.55
CA VAL A 282 -1.37 24.49 -0.90
C VAL A 282 -0.03 24.52 -1.64
N GLU A 283 0.92 25.32 -1.14
CA GLU A 283 2.23 25.42 -1.79
C GLU A 283 3.07 24.15 -1.68
N LEU A 284 3.01 23.47 -0.53
CA LEU A 284 3.75 22.23 -0.32
C LEU A 284 3.19 21.14 -1.22
N ASN A 285 1.87 21.13 -1.38
CA ASN A 285 1.21 20.15 -2.23
C ASN A 285 1.42 20.41 -3.72
N LYS A 286 1.51 21.69 -4.09
CA LYS A 286 1.78 22.10 -5.48
C LYS A 286 3.22 21.67 -5.80
N ALA A 287 4.09 21.82 -4.80
CA ALA A 287 5.51 21.49 -4.90
C ALA A 287 5.76 19.99 -5.09
N VAL A 288 5.00 19.16 -4.37
CA VAL A 288 5.15 17.70 -4.47
C VAL A 288 4.73 17.20 -5.86
N LEU A 289 3.61 17.72 -6.37
CA LEU A 289 3.10 17.33 -7.70
C LEU A 289 4.05 17.72 -8.82
N TYR A 290 4.60 18.93 -8.70
CA TYR A 290 5.57 19.49 -9.66
C TYR A 290 6.85 18.67 -9.69
N SER A 291 7.42 18.41 -8.51
CA SER A 291 8.68 17.66 -8.36
C SER A 291 8.65 16.24 -8.93
N TYR A 292 7.58 15.51 -8.64
CA TYR A 292 7.44 14.15 -9.13
C TYR A 292 7.29 14.13 -10.65
N LYS A 293 6.49 15.07 -11.17
CA LYS A 293 6.25 15.24 -12.61
C LYS A 293 7.56 15.58 -13.34
N LYS A 294 8.36 16.48 -12.76
CA LYS A 294 9.64 16.90 -13.34
C LYS A 294 10.62 15.72 -13.44
N GLN A 295 10.62 14.86 -12.43
CA GLN A 295 11.51 13.70 -12.40
C GLN A 295 10.96 12.49 -13.18
N GLY A 296 9.74 12.63 -13.69
CA GLY A 296 9.11 11.56 -14.46
C GLY A 296 8.58 10.40 -13.64
N VAL A 297 8.26 10.68 -12.37
CA VAL A 297 7.72 9.66 -11.45
C VAL A 297 6.21 9.87 -11.37
N SER A 298 5.46 8.80 -11.66
CA SER A 298 3.98 8.84 -11.65
C SER A 298 3.42 9.30 -10.30
N ILE A 299 2.44 10.21 -10.40
CA ILE A 299 1.75 10.79 -9.26
C ILE A 299 0.41 11.33 -9.78
N VAL A 300 -0.56 11.45 -8.89
CA VAL A 300 -1.87 11.99 -9.25
C VAL A 300 -2.34 12.98 -8.19
N ASP A 301 -3.00 14.06 -8.64
CA ASP A 301 -3.53 15.03 -7.71
C ASP A 301 -4.87 14.54 -7.20
N HIS A 302 -5.36 15.11 -6.12
CA HIS A 302 -6.63 14.69 -5.54
C HIS A 302 -7.89 14.96 -6.35
N HIS A 303 -7.85 16.00 -7.20
CA HIS A 303 -8.99 16.34 -8.05
C HIS A 303 -9.12 15.35 -9.20
N THR A 304 -7.99 15.00 -9.82
CA THR A 304 -7.97 14.02 -10.92
C THR A 304 -8.30 12.61 -10.37
N ALA A 305 -7.78 12.30 -9.18
CA ALA A 305 -8.02 11.00 -8.54
C ALA A 305 -9.49 10.78 -8.19
N ALA A 306 -10.14 11.86 -7.75
CA ALA A 306 -11.56 11.82 -7.40
C ALA A 306 -12.41 11.70 -8.64
N SER A 307 -11.96 12.34 -9.73
CA SER A 307 -12.66 12.29 -11.02
C SER A 307 -12.57 10.86 -11.58
N GLN A 308 -11.42 10.22 -11.39
CA GLN A 308 -11.18 8.84 -11.82
C GLN A 308 -12.04 7.88 -10.99
N PHE A 309 -12.17 8.20 -9.70
CA PHE A 309 -12.96 7.40 -8.76
C PHE A 309 -14.47 7.50 -9.08
N LYS A 310 -14.90 8.64 -9.64
CA LYS A 310 -16.33 8.80 -10.01
C LYS A 310 -16.66 7.86 -11.16
N ARG A 311 -15.71 7.69 -12.07
CA ARG A 311 -15.84 6.81 -13.23
C ARG A 311 -15.87 5.35 -12.78
N PHE A 312 -15.25 5.08 -11.62
CA PHE A 312 -15.22 3.74 -11.02
C PHE A 312 -16.61 3.42 -10.49
N GLU A 313 -17.24 4.41 -9.83
CA GLU A 313 -18.59 4.29 -9.26
C GLU A 313 -19.60 3.98 -10.36
N GLU A 314 -19.42 4.63 -11.51
CA GLU A 314 -20.27 4.48 -12.70
C GLU A 314 -20.12 3.11 -13.33
N GLN A 315 -18.87 2.65 -13.43
CA GLN A 315 -18.55 1.35 -14.02
C GLN A 315 -19.01 0.15 -13.20
N GLU A 316 -19.05 0.32 -11.87
CA GLU A 316 -19.50 -0.74 -10.96
C GLU A 316 -21.00 -0.93 -11.03
N GLU A 317 -21.72 0.19 -11.20
CA GLU A 317 -23.18 0.20 -11.32
C GLU A 317 -23.58 -0.39 -12.68
N GLU A 318 -22.72 -0.16 -13.68
CA GLU A 318 -22.92 -0.64 -15.05
C GLU A 318 -22.60 -2.15 -15.16
N ALA A 319 -21.77 -2.63 -14.23
CA ALA A 319 -21.38 -4.03 -14.18
C ALA A 319 -22.33 -4.85 -13.28
N GLY A 320 -23.18 -4.13 -12.54
CA GLY A 320 -24.15 -4.75 -11.65
C GLY A 320 -23.69 -5.02 -10.23
N ARG A 321 -22.51 -4.53 -9.88
CA ARG A 321 -21.95 -4.72 -8.54
C ARG A 321 -22.25 -3.57 -7.59
N LYS A 322 -22.43 -3.90 -6.31
CA LYS A 322 -22.68 -2.91 -5.26
C LYS A 322 -21.36 -2.21 -4.95
N LEU A 323 -21.42 -0.90 -4.70
CA LEU A 323 -20.23 -0.13 -4.37
C LEU A 323 -20.06 -0.04 -2.86
N THR A 324 -18.85 -0.31 -2.39
CA THR A 324 -18.54 -0.20 -0.97
C THR A 324 -17.40 0.82 -0.82
N GLY A 325 -17.48 1.63 0.24
CA GLY A 325 -16.46 2.64 0.47
C GLY A 325 -16.45 3.20 1.87
N ASP A 326 -15.30 3.75 2.25
CA ASP A 326 -15.09 4.37 3.55
C ASP A 326 -14.82 5.85 3.29
N TRP A 327 -15.88 6.66 3.42
CA TRP A 327 -15.87 8.11 3.21
C TRP A 327 -14.73 8.81 3.97
N THR A 328 -14.50 8.39 5.23
CA THR A 328 -13.46 8.97 6.10
C THR A 328 -12.04 8.89 5.54
N TRP A 329 -11.83 7.90 4.68
CA TRP A 329 -10.55 7.66 4.03
C TRP A 329 -10.52 8.07 2.56
N LEU A 330 -11.69 8.04 1.92
CA LEU A 330 -11.80 8.40 0.49
C LEU A 330 -11.68 9.89 0.24
N ILE A 331 -12.13 10.70 1.19
CA ILE A 331 -12.04 12.16 1.05
C ILE A 331 -10.58 12.64 1.18
N PRO A 332 -10.12 13.51 0.27
CA PRO A 332 -8.73 13.99 0.38
C PRO A 332 -8.55 14.93 1.60
N PRO A 333 -7.35 14.93 2.24
CA PRO A 333 -7.09 15.78 3.40
C PRO A 333 -7.05 17.29 3.16
N ILE A 334 -7.04 17.72 1.89
CA ILE A 334 -7.10 19.15 1.55
C ILE A 334 -8.18 19.31 0.48
N SER A 335 -8.99 20.36 0.64
CA SER A 335 -10.11 20.69 -0.25
C SER A 335 -11.08 19.52 -0.50
N PRO A 336 -11.44 18.71 0.56
CA PRO A 336 -12.35 17.60 0.27
C PRO A 336 -13.70 17.99 -0.33
N ALA A 337 -14.21 19.16 0.04
CA ALA A 337 -15.49 19.66 -0.46
C ALA A 337 -15.49 20.07 -1.94
N ALA A 338 -14.31 20.08 -2.56
CA ALA A 338 -14.19 20.40 -3.99
C ALA A 338 -14.31 19.12 -4.83
N THR A 339 -14.44 17.97 -4.17
CA THR A 339 -14.58 16.67 -4.83
C THR A 339 -16.00 16.14 -4.59
N HIS A 340 -16.47 15.28 -5.49
CA HIS A 340 -17.81 14.70 -5.39
C HIS A 340 -17.96 13.76 -4.19
N ILE A 341 -16.84 13.14 -3.80
CA ILE A 341 -16.78 12.17 -2.68
C ILE A 341 -17.41 12.69 -1.40
N PHE A 342 -17.06 13.93 -1.06
CA PHE A 342 -17.54 14.62 0.12
C PHE A 342 -19.06 14.75 0.15
N HIS A 343 -19.64 14.99 -1.02
CA HIS A 343 -21.08 15.21 -1.16
C HIS A 343 -22.00 14.01 -1.34
N ARG A 344 -21.46 12.81 -1.14
CA ARG A 344 -22.27 11.60 -1.22
C ARG A 344 -21.91 10.63 -0.09
N SER A 345 -22.68 9.55 0.02
CA SER A 345 -22.48 8.51 1.04
C SER A 345 -22.03 7.21 0.39
N TYR A 346 -21.36 6.38 1.18
CA TYR A 346 -20.83 5.09 0.75
C TYR A 346 -21.07 4.05 1.84
N ASP A 347 -21.37 2.83 1.43
CA ASP A 347 -21.62 1.71 2.35
C ASP A 347 -20.25 1.13 2.78
N ASN A 348 -19.95 1.17 4.08
CA ASN A 348 -18.67 0.65 4.59
C ASN A 348 -18.71 -0.84 4.94
N SER A 349 -19.33 -1.64 4.07
CA SER A 349 -19.42 -3.08 4.28
C SER A 349 -18.19 -3.76 3.70
N ILE A 350 -17.68 -4.74 4.43
CA ILE A 350 -16.50 -5.50 4.02
C ILE A 350 -16.92 -6.69 3.15
N VAL A 351 -16.45 -6.67 1.91
CA VAL A 351 -16.71 -7.72 0.93
C VAL A 351 -15.40 -8.44 0.62
N LYS A 352 -15.43 -9.77 0.69
CA LYS A 352 -14.28 -10.64 0.42
C LYS A 352 -14.30 -11.07 -1.07
N PRO A 353 -13.13 -11.19 -1.74
CA PRO A 353 -11.73 -10.99 -1.33
C PRO A 353 -11.35 -9.54 -0.99
N ASN A 354 -10.43 -9.38 -0.04
CA ASN A 354 -9.99 -8.06 0.42
C ASN A 354 -8.63 -8.10 1.11
N TYR A 355 -8.12 -6.91 1.43
CA TYR A 355 -6.87 -6.73 2.15
C TYR A 355 -7.26 -6.32 3.56
N PHE A 356 -6.65 -6.97 4.54
CA PHE A 356 -6.93 -6.72 5.95
C PHE A 356 -5.68 -6.38 6.73
N TYR A 357 -5.89 -5.73 7.87
CA TYR A 357 -4.80 -5.38 8.78
C TYR A 357 -4.50 -6.64 9.59
N GLN A 358 -3.25 -6.76 10.02
CA GLN A 358 -2.85 -7.88 10.86
C GLN A 358 -1.96 -7.33 11.96
N ASP A 359 -1.90 -8.06 13.08
CA ASP A 359 -1.11 -7.65 14.24
C ASP A 359 0.38 -7.52 13.93
N LYS A 360 0.98 -6.45 14.44
CA LYS A 360 2.41 -6.17 14.26
C LYS A 360 3.24 -7.04 15.20
N PRO A 361 4.19 -7.83 14.64
CA PRO A 361 5.07 -8.73 15.42
C PRO A 361 6.14 -8.03 16.26
N TYR A 362 6.27 -6.72 16.10
CA TYR A 362 7.24 -5.92 16.84
C TYR A 362 6.62 -5.02 17.92
N GLU A 363 5.30 -5.10 18.08
CA GLU A 363 4.62 -4.30 19.11
C GLU A 363 3.86 -5.16 20.13
N ARG B . -0.26 6.85 2.70
CA ARG B . 0.81 6.07 2.60
C ARG B . 2.08 6.97 2.47
O ARG B . 3.19 6.41 2.37
CB ARG B . 0.74 5.16 1.37
CG ARG B . -0.49 4.22 1.34
CD ARG B . -0.74 3.67 -0.09
NE ARG B . -0.86 4.63 -1.01
CZ ARG B . -1.10 4.44 -2.44
NH1 ARG B . -1.22 3.23 -2.95
NH2 ARG B . -1.17 5.51 -3.22
OXT ARG B . 1.91 8.22 2.49
CHA HEM C . -5.47 3.18 0.44
CHB HEM C . -4.57 5.67 -3.57
CHC HEM C . -3.40 1.56 -5.64
CHD HEM C . -5.09 -0.93 -1.95
C1A HEM C . -5.23 4.25 -0.41
C2A HEM C . -5.18 5.65 -0.03
C3A HEM C . -5.01 6.36 -1.19
C4A HEM C . -4.89 5.37 -2.25
CMA HEM C . -4.99 7.89 -1.35
CAA HEM C . -5.18 6.24 1.39
CBA HEM C . -3.77 6.08 1.96
CGA HEM C . -3.60 6.68 3.34
O1A HEM C . -2.77 6.17 4.12
O2A HEM C . -4.30 7.66 3.64
C1B HEM C . -4.26 4.78 -4.59
C2B HEM C . -3.80 5.15 -5.93
C3B HEM C . -3.42 3.98 -6.54
C4B HEM C . -3.68 2.92 -5.54
CMB HEM C . -3.86 6.58 -6.54
CAB HEM C . -2.90 3.91 -7.83
CBB HEM C . -3.22 3.05 -8.86
C1C HEM C . -3.64 0.49 -4.81
C2C HEM C . -3.36 -0.89 -5.14
C3C HEM C . -3.95 -1.65 -4.14
C4C HEM C . -4.52 -0.66 -3.21
CMC HEM C . -2.48 -1.30 -6.35
CAC HEM C . -4.11 -3.06 -4.00
CBC HEM C . -3.72 -4.13 -4.80
C1D HEM C . -5.45 -0.05 -0.95
C2D HEM C . -5.81 -0.42 0.42
C3D HEM C . -5.83 0.75 1.11
C4D HEM C . -5.51 1.81 0.17
CMD HEM C . -6.09 -1.83 0.97
CAD HEM C . -5.97 0.94 2.61
CBD HEM C . -4.63 0.95 3.33
CGD HEM C . -4.75 1.18 4.81
O1D HEM C . -3.76 1.65 5.42
O2D HEM C . -5.82 0.88 5.39
NA HEM C . -5.03 4.10 -1.75
NB HEM C . -4.20 3.44 -4.40
NC HEM C . -4.30 0.61 -3.64
ND HEM C . -5.30 1.30 -1.07
FE HEM C . -5.04 2.34 -2.83
N3 THG D . -5.81 8.42 5.38
C2 THG D . -6.93 8.98 4.79
N1 THG D . -7.96 9.42 5.58
C8A THG D . -7.91 9.34 6.93
C4A THG D . -6.73 8.75 7.55
C4 THG D . -5.69 8.29 6.72
N8 THG D . -8.95 9.79 7.67
C7 THG D . -8.85 9.72 9.09
C6 THG D . -7.81 8.87 9.72
N5 THG D . -6.66 8.64 8.88
C9 THG D . -7.54 9.12 11.19
N10 THG D . -8.16 7.99 11.98
C4' THG D . -9.47 7.79 12.06
C3' THG D . -10.32 8.85 12.47
C2' THG D . -11.70 8.63 12.55
C1' THG D . -12.29 7.38 12.22
C6' THG D . -11.44 6.31 11.80
C5' THG D . -10.03 6.52 11.72
C11 THG D . -13.64 7.25 12.34
N THG D . -14.30 8.33 12.80
CA THG D . -15.67 8.66 13.13
C THG D . -15.75 8.63 14.55
OX2 THG D . -15.75 9.65 15.12
OX1 THG D . -15.87 7.55 15.17
CB THG D . -16.84 8.04 12.47
CG THG D . -18.05 9.01 12.84
CD THG D . -19.23 8.80 12.46
OE1 THG D . -19.55 7.73 11.94
OE2 THG D . -20.06 9.73 12.61
O11 THG D . -14.22 6.20 12.08
O4 THG D . -4.68 7.80 7.21
N2 THG D . -7.00 9.07 3.45
#